data_2G6P
#
_entry.id   2G6P
#
_cell.length_a   47.386
_cell.length_b   77.522
_cell.length_c   47.720
_cell.angle_alpha   90.00
_cell.angle_beta   90.82
_cell.angle_gamma   90.00
#
_symmetry.space_group_name_H-M   'P 1 21 1'
#
loop_
_entity.id
_entity.type
_entity.pdbx_description
1 polymer 'Methionine aminopeptidase 1'
2 non-polymer 'COBALT (II) ION'
3 non-polymer 'POTASSIUM ION'
4 non-polymer 5-CHLORO-6-METHYL-N-(2-PHENYLETHYL)-2-PYRIDIN-2-YLPYRIMIDIN-4-AMINE
5 non-polymer '4-(2-HYDROXYETHYL)-1-PIPERAZINE ETHANESULFONIC ACID'
6 non-polymer GLYCEROL
7 water water
#
_entity_poly.entity_id   1
_entity_poly.type   'polypeptide(L)'
_entity_poly.pdbx_seq_one_letter_code
;YRYTGKLRPHYPLMPTRPVPSYIQRPDYADHPLGMSESEQALKGTSQIKLLSSEDIEGMRLVCRLAREVLDVAAGMIKPG
VTTEEIDHAVHLACIARNCYPSPLNYYNFPKSCCTSVNEVICHGIPDRRPLQEGDIVNVDITLYRNGYHGDLNETFFVGE
VDDGARKLVQTTYECLMQAIDAVKPGVRYRELGNIIQKHAQANGFSVVRSYCGHGIHKLFHTAPNVPHYAKNKAVGVMKS
GHVFTIEPMICEGGWQDETWPDGWTAVTRDGKRSAQFEHTLLVTDTGCEILTRRLDSARPHFMS
;
_entity_poly.pdbx_strand_id   A
#
# COMPACT_ATOMS: atom_id res chain seq x y z
N TYR A 1 -24.31 -8.53 9.68
CA TYR A 1 -23.03 -8.93 9.01
C TYR A 1 -22.32 -10.13 9.64
N ARG A 2 -21.97 -11.09 8.80
CA ARG A 2 -21.28 -12.28 9.30
C ARG A 2 -19.78 -12.14 9.00
N TYR A 3 -19.01 -11.99 10.05
CA TYR A 3 -17.60 -11.84 9.88
C TYR A 3 -17.02 -13.08 9.28
N THR A 4 -15.92 -12.95 8.55
CA THR A 4 -15.35 -14.13 7.91
C THR A 4 -14.28 -14.84 8.74
N GLY A 5 -13.77 -14.19 9.78
CA GLY A 5 -12.70 -14.77 10.57
C GLY A 5 -12.86 -14.32 12.00
N LYS A 6 -11.81 -14.37 12.79
CA LYS A 6 -11.90 -13.93 14.18
C LYS A 6 -11.86 -12.41 14.39
N LEU A 7 -11.19 -11.68 13.50
CA LEU A 7 -11.04 -10.24 13.66
C LEU A 7 -12.37 -9.50 13.69
N ARG A 8 -12.44 -8.43 14.48
CA ARG A 8 -13.65 -7.60 14.55
C ARG A 8 -13.15 -6.19 14.77
N PRO A 9 -13.96 -5.18 14.37
CA PRO A 9 -13.53 -3.80 14.58
C PRO A 9 -13.62 -3.46 16.07
N HIS A 10 -12.72 -2.62 16.55
CA HIS A 10 -12.73 -2.25 17.95
C HIS A 10 -12.93 -0.79 18.08
N TYR A 11 -14.19 -0.39 18.28
CA TYR A 11 -14.59 1.00 18.42
C TYR A 11 -14.70 1.45 19.90
N PRO A 12 -14.86 2.77 20.15
CA PRO A 12 -14.92 3.83 19.14
C PRO A 12 -13.51 4.21 18.65
N LEU A 13 -13.43 4.95 17.56
CA LEU A 13 -12.14 5.42 17.09
C LEU A 13 -11.90 6.73 17.82
N MET A 14 -10.64 7.09 18.09
CA MET A 14 -10.35 8.37 18.75
C MET A 14 -10.79 9.43 17.77
N PRO A 15 -11.08 10.65 18.25
CA PRO A 15 -11.51 11.77 17.38
C PRO A 15 -10.49 12.10 16.28
N THR A 16 -10.98 12.39 15.07
CA THR A 16 -10.10 12.68 13.96
C THR A 16 -9.01 13.66 14.26
N ARG A 17 -7.88 13.41 13.58
CA ARG A 17 -6.67 14.16 13.73
C ARG A 17 -6.53 15.30 12.73
N PRO A 18 -6.25 16.50 13.27
CA PRO A 18 -6.10 17.66 12.41
C PRO A 18 -4.67 17.79 11.89
N VAL A 19 -4.58 18.45 10.78
CA VAL A 19 -3.30 18.65 10.20
C VAL A 19 -3.04 20.15 10.33
N PRO A 20 -1.92 20.51 10.97
CA PRO A 20 -1.63 21.94 11.11
C PRO A 20 -1.90 22.60 9.76
N SER A 21 -2.51 23.77 9.78
CA SER A 21 -2.81 24.46 8.52
C SER A 21 -1.59 24.77 7.70
N TYR A 22 -0.38 24.76 8.28
CA TYR A 22 0.82 25.05 7.45
C TYR A 22 1.25 23.93 6.45
N ILE A 23 0.79 22.68 6.68
CA ILE A 23 1.07 21.54 5.80
C ILE A 23 0.29 21.72 4.52
N GLN A 24 0.93 21.62 3.37
CA GLN A 24 0.21 21.77 2.14
C GLN A 24 -0.74 20.56 2.01
N ARG A 25 -1.95 20.76 1.49
CA ARG A 25 -2.94 19.67 1.34
C ARG A 25 -3.34 19.32 -0.08
N PRO A 26 -3.78 18.05 -0.29
CA PRO A 26 -4.22 17.67 -1.64
C PRO A 26 -5.66 18.20 -1.78
N ASP A 27 -6.17 18.32 -3.00
CA ASP A 27 -7.51 18.87 -3.17
C ASP A 27 -8.59 18.15 -2.39
N TYR A 28 -8.53 16.83 -2.27
CA TYR A 28 -9.61 16.15 -1.52
C TYR A 28 -9.54 16.33 0.00
N ALA A 29 -8.46 16.94 0.53
CA ALA A 29 -8.36 17.06 1.99
C ALA A 29 -9.54 17.83 2.61
N ASP A 30 -10.03 18.82 1.89
CA ASP A 30 -11.13 19.61 2.39
C ASP A 30 -12.42 19.37 1.64
N HIS A 31 -12.43 18.40 0.73
CA HIS A 31 -13.67 18.12 0.05
C HIS A 31 -14.56 17.40 1.06
N PRO A 32 -15.86 17.75 1.10
CA PRO A 32 -16.73 17.10 2.07
C PRO A 32 -16.86 15.56 1.95
N LEU A 33 -16.82 15.00 0.75
CA LEU A 33 -16.90 13.52 0.58
C LEU A 33 -15.51 12.98 0.28
N GLY A 34 -14.56 13.91 0.33
CA GLY A 34 -13.19 13.54 0.14
C GLY A 34 -12.89 13.19 -1.27
N MET A 35 -13.61 13.79 -2.20
CA MET A 35 -13.37 13.49 -3.61
C MET A 35 -12.24 14.34 -4.15
N SER A 36 -11.54 13.81 -5.15
CA SER A 36 -10.42 14.52 -5.70
C SER A 36 -10.84 14.99 -7.10
N GLU A 37 -11.07 16.29 -7.22
CA GLU A 37 -11.47 16.88 -8.49
C GLU A 37 -10.43 16.50 -9.53
N SER A 38 -9.15 16.72 -9.23
CA SER A 38 -8.10 16.41 -10.20
C SER A 38 -8.03 14.95 -10.64
N GLU A 39 -8.38 14.04 -9.76
CA GLU A 39 -8.36 12.62 -10.10
C GLU A 39 -9.59 12.30 -10.94
N GLN A 40 -10.68 12.99 -10.67
CA GLN A 40 -11.88 12.74 -11.41
C GLN A 40 -11.79 13.28 -12.83
N ALA A 41 -11.01 14.34 -13.04
CA ALA A 41 -10.85 14.91 -14.37
C ALA A 41 -10.16 13.88 -15.29
N LEU A 42 -9.49 12.88 -14.72
CA LEU A 42 -8.82 11.90 -15.57
C LEU A 42 -9.34 10.48 -15.45
N LYS A 43 -10.48 10.33 -14.77
CA LYS A 43 -11.07 9.02 -14.57
C LYS A 43 -11.37 8.36 -15.91
N GLY A 44 -11.03 7.08 -16.01
CA GLY A 44 -11.29 6.34 -17.26
C GLY A 44 -10.27 6.55 -18.37
N THR A 45 -9.35 7.48 -18.16
CA THR A 45 -8.27 7.79 -19.10
C THR A 45 -7.16 6.72 -18.95
N SER A 46 -6.58 6.28 -20.08
CA SER A 46 -5.52 5.26 -20.11
C SER A 46 -4.14 5.85 -20.25
N GLN A 47 -4.08 7.09 -20.72
CA GLN A 47 -2.80 7.71 -20.92
C GLN A 47 -2.00 7.81 -19.63
N ILE A 48 -0.67 7.65 -19.73
CA ILE A 48 0.21 7.67 -18.58
C ILE A 48 1.19 8.82 -18.56
N LYS A 49 1.14 9.65 -17.54
CA LYS A 49 2.06 10.78 -17.47
C LYS A 49 3.52 10.37 -17.63
N LEU A 50 4.32 11.26 -18.22
CA LEU A 50 5.77 11.04 -18.37
C LEU A 50 6.28 12.17 -17.48
N LEU A 51 6.95 11.81 -16.39
CA LEU A 51 7.43 12.81 -15.45
C LEU A 51 8.58 13.65 -15.94
N SER A 52 8.69 14.88 -15.43
CA SER A 52 9.77 15.79 -15.79
C SER A 52 10.84 15.70 -14.68
N SER A 53 11.99 16.30 -14.92
CA SER A 53 13.03 16.26 -13.92
C SER A 53 12.63 16.95 -12.62
N GLU A 54 11.71 17.91 -12.68
CA GLU A 54 11.26 18.59 -11.47
C GLU A 54 10.37 17.57 -10.75
N ASP A 55 9.54 16.87 -11.51
CA ASP A 55 8.63 15.85 -10.98
C ASP A 55 9.39 14.72 -10.31
N ILE A 56 10.36 14.19 -11.04
CA ILE A 56 11.18 13.11 -10.54
C ILE A 56 11.80 13.51 -9.22
N GLU A 57 12.39 14.70 -9.14
CA GLU A 57 12.97 15.15 -7.89
C GLU A 57 11.90 15.24 -6.78
N GLY A 58 10.70 15.64 -7.17
CA GLY A 58 9.62 15.71 -6.22
C GLY A 58 9.23 14.29 -5.77
N MET A 59 9.20 13.33 -6.68
CA MET A 59 8.84 11.98 -6.31
C MET A 59 9.91 11.36 -5.41
N ARG A 60 11.18 11.61 -5.73
CA ARG A 60 12.26 11.10 -4.92
C ARG A 60 12.20 11.54 -3.51
N LEU A 61 11.85 12.81 -3.31
CA LEU A 61 11.81 13.34 -1.96
C LEU A 61 10.63 12.77 -1.16
N VAL A 62 9.42 12.86 -1.71
CA VAL A 62 8.30 12.36 -0.93
C VAL A 62 8.40 10.86 -0.71
N CYS A 63 8.93 10.10 -1.69
CA CYS A 63 9.06 8.65 -1.47
C CYS A 63 10.12 8.33 -0.39
N ARG A 64 11.18 9.13 -0.26
CA ARG A 64 12.16 8.87 0.81
C ARG A 64 11.54 9.13 2.21
N LEU A 65 10.72 10.17 2.30
CA LEU A 65 10.06 10.55 3.55
C LEU A 65 9.06 9.47 3.97
N ALA A 66 8.35 8.99 2.97
CA ALA A 66 7.34 7.94 3.20
C ALA A 66 8.04 6.75 3.80
N ARG A 67 9.17 6.36 3.21
CA ARG A 67 9.96 5.23 3.75
C ARG A 67 10.33 5.54 5.18
N GLU A 68 10.70 6.80 5.47
CA GLU A 68 11.06 7.07 6.87
C GLU A 68 9.91 6.84 7.83
N VAL A 69 8.71 7.23 7.41
CA VAL A 69 7.55 7.09 8.27
C VAL A 69 7.18 5.61 8.35
N LEU A 70 7.42 4.84 7.30
CA LEU A 70 7.07 3.41 7.44
C LEU A 70 8.04 2.78 8.48
N ASP A 71 9.31 3.18 8.42
CA ASP A 71 10.32 2.64 9.33
C ASP A 71 9.94 2.97 10.76
N VAL A 72 9.29 4.13 10.94
CA VAL A 72 8.83 4.48 12.28
C VAL A 72 7.76 3.50 12.70
N ALA A 73 6.78 3.27 11.84
CA ALA A 73 5.72 2.34 12.22
C ALA A 73 6.30 0.97 12.61
N ALA A 74 7.17 0.45 11.74
CA ALA A 74 7.86 -0.83 11.94
C ALA A 74 8.41 -0.92 13.37
N GLY A 75 9.03 0.17 13.82
CA GLY A 75 9.60 0.17 15.14
C GLY A 75 8.57 -0.15 16.22
N MET A 76 7.29 0.09 15.93
CA MET A 76 6.21 -0.13 16.92
C MET A 76 5.45 -1.43 16.91
N ILE A 77 5.77 -2.31 15.99
CA ILE A 77 5.05 -3.58 15.92
C ILE A 77 5.45 -4.55 17.02
N LYS A 78 4.74 -4.51 18.14
CA LYS A 78 5.02 -5.43 19.21
C LYS A 78 3.64 -5.78 19.74
N PRO A 79 3.49 -6.94 20.40
CA PRO A 79 2.22 -7.39 20.95
C PRO A 79 1.63 -6.39 21.93
N GLY A 80 0.34 -6.08 21.82
CA GLY A 80 -0.24 -5.17 22.77
C GLY A 80 -0.38 -3.74 22.29
N VAL A 81 0.38 -3.33 21.28
CA VAL A 81 0.18 -1.97 20.75
C VAL A 81 -1.07 -2.06 19.86
N THR A 82 -1.91 -1.03 19.87
CA THR A 82 -3.11 -1.03 19.01
C THR A 82 -2.76 -0.39 17.65
N THR A 83 -3.52 -0.74 16.63
CA THR A 83 -3.26 -0.14 15.31
C THR A 83 -3.51 1.38 15.36
N GLU A 84 -4.42 1.84 16.21
CA GLU A 84 -4.66 3.28 16.33
C GLU A 84 -3.44 4.00 16.93
N GLU A 85 -2.69 3.30 17.80
CA GLU A 85 -1.49 3.90 18.36
C GLU A 85 -0.49 4.01 17.24
N ILE A 86 -0.38 2.95 16.42
CA ILE A 86 0.55 3.00 15.28
C ILE A 86 0.19 4.20 14.40
N ASP A 87 -1.09 4.30 14.05
CA ASP A 87 -1.59 5.38 13.19
C ASP A 87 -1.22 6.73 13.75
N HIS A 88 -1.41 6.85 15.07
CA HIS A 88 -1.10 8.11 15.76
C HIS A 88 0.36 8.53 15.56
N ALA A 89 1.25 7.56 15.70
CA ALA A 89 2.68 7.84 15.57
C ALA A 89 2.97 8.23 14.15
N VAL A 90 2.35 7.50 13.24
CA VAL A 90 2.51 7.73 11.81
C VAL A 90 2.02 9.17 11.49
N HIS A 91 0.86 9.51 12.04
CA HIS A 91 0.28 10.85 11.74
C HIS A 91 1.28 11.96 12.10
N LEU A 92 1.79 11.85 13.32
CA LEU A 92 2.81 12.78 13.84
C LEU A 92 4.11 12.75 13.01
N ALA A 93 4.54 11.58 12.54
CA ALA A 93 5.76 11.52 11.72
C ALA A 93 5.57 12.21 10.37
N CYS A 94 4.36 12.16 9.75
CA CYS A 94 4.15 12.88 8.48
C CYS A 94 4.24 14.41 8.78
N ILE A 95 3.50 14.88 9.80
CA ILE A 95 3.51 16.29 10.19
C ILE A 95 4.96 16.81 10.37
N ALA A 96 5.73 16.13 11.24
CA ALA A 96 7.14 16.47 11.49
C ALA A 96 7.98 16.51 10.20
N ARG A 97 7.54 15.88 9.11
CA ARG A 97 8.34 15.93 7.89
C ARG A 97 7.66 16.90 6.96
N ASN A 98 6.78 17.69 7.54
CA ASN A 98 6.05 18.71 6.77
C ASN A 98 5.33 18.06 5.61
N CYS A 99 4.68 16.94 5.90
CA CYS A 99 3.90 16.21 4.90
C CYS A 99 2.47 15.96 5.37
N TYR A 100 1.60 15.84 4.39
CA TYR A 100 0.22 15.50 4.71
C TYR A 100 0.06 13.94 4.57
N PRO A 101 -0.70 13.22 5.47
CA PRO A 101 -0.84 11.74 5.29
C PRO A 101 -1.97 11.55 4.30
N SER A 102 -1.58 11.24 3.07
CA SER A 102 -2.51 11.09 1.96
C SER A 102 -3.82 10.35 2.18
N PRO A 103 -3.82 9.23 2.96
CA PRO A 103 -5.06 8.49 3.19
C PRO A 103 -6.12 9.30 3.98
N LEU A 104 -5.65 10.29 4.76
CA LEU A 104 -6.54 11.04 5.65
C LEU A 104 -7.63 11.80 4.89
N ASN A 105 -8.86 11.34 5.05
CA ASN A 105 -10.06 11.88 4.38
C ASN A 105 -10.12 11.62 2.85
N TYR A 106 -9.21 10.79 2.33
CA TYR A 106 -9.26 10.43 0.92
C TYR A 106 -10.56 9.57 0.79
N TYR A 107 -11.51 10.09 0.05
CA TYR A 107 -12.85 9.48 -0.05
C TYR A 107 -13.37 9.21 1.35
N ASN A 108 -13.07 10.14 2.28
CA ASN A 108 -13.52 10.03 3.69
C ASN A 108 -12.90 8.92 4.56
N PHE A 109 -11.78 8.34 4.12
CA PHE A 109 -11.10 7.32 4.96
C PHE A 109 -10.80 8.10 6.28
N PRO A 110 -11.18 7.55 7.44
CA PRO A 110 -10.97 8.25 8.69
C PRO A 110 -9.59 8.33 9.31
N LYS A 111 -8.59 7.62 8.77
CA LYS A 111 -7.26 7.64 9.42
C LYS A 111 -6.13 8.08 8.50
N SER A 112 -4.90 7.97 8.99
CA SER A 112 -3.71 8.44 8.27
C SER A 112 -2.89 7.35 7.63
N CYS A 113 -3.25 6.10 7.86
CA CYS A 113 -2.59 4.97 7.20
C CYS A 113 -3.56 3.79 7.32
N CYS A 114 -3.24 2.71 6.62
CA CYS A 114 -4.11 1.52 6.64
C CYS A 114 -3.35 0.41 7.34
N THR A 115 -3.95 -0.22 8.32
CA THR A 115 -3.32 -1.29 9.07
C THR A 115 -4.19 -2.51 8.82
N SER A 116 -3.62 -3.53 8.21
CA SER A 116 -4.38 -4.70 7.82
C SER A 116 -3.86 -5.98 8.46
N VAL A 117 -4.55 -6.43 9.48
CA VAL A 117 -4.16 -7.65 10.23
C VAL A 117 -4.72 -8.95 9.66
N ASN A 118 -3.88 -9.98 9.59
CA ASN A 118 -4.33 -11.33 9.15
C ASN A 118 -5.25 -11.48 7.97
N GLU A 119 -6.54 -11.74 8.20
CA GLU A 119 -7.45 -11.90 7.08
C GLU A 119 -7.82 -10.58 6.38
N VAL A 120 -7.37 -9.43 6.89
CA VAL A 120 -7.67 -8.20 6.21
C VAL A 120 -6.70 -8.08 5.02
N ILE A 121 -7.27 -8.05 3.82
CA ILE A 121 -6.51 -7.91 2.60
C ILE A 121 -5.89 -6.53 2.45
N CYS A 122 -6.69 -5.49 2.65
CA CYS A 122 -6.12 -4.14 2.52
C CYS A 122 -7.14 -3.17 3.09
N HIS A 123 -6.72 -1.93 3.35
CA HIS A 123 -7.57 -0.88 3.87
C HIS A 123 -8.17 -1.07 5.27
N GLY A 124 -7.48 -1.80 6.16
CA GLY A 124 -8.01 -1.95 7.49
C GLY A 124 -7.93 -0.60 8.17
N ILE A 125 -8.90 -0.30 9.02
CA ILE A 125 -8.87 0.99 9.72
C ILE A 125 -8.20 0.88 11.11
N PRO A 126 -7.15 1.69 11.36
CA PRO A 126 -6.51 1.60 12.69
C PRO A 126 -7.60 1.74 13.77
N ASP A 127 -7.59 0.84 14.75
CA ASP A 127 -8.61 0.91 15.82
C ASP A 127 -8.08 0.44 17.19
N ARG A 128 -8.97 0.10 18.12
CA ARG A 128 -8.50 -0.22 19.48
C ARG A 128 -7.97 -1.59 19.82
N ARG A 129 -7.97 -2.49 18.82
CA ARG A 129 -7.44 -3.83 19.01
C ARG A 129 -5.91 -3.91 19.16
N PRO A 130 -5.46 -4.45 20.31
CA PRO A 130 -4.02 -4.58 20.57
C PRO A 130 -3.52 -5.67 19.64
N LEU A 131 -2.31 -5.52 19.09
CA LEU A 131 -1.73 -6.57 18.24
C LEU A 131 -1.47 -7.79 19.14
N GLN A 132 -1.75 -8.97 18.60
CA GLN A 132 -1.61 -10.25 19.27
C GLN A 132 -0.44 -11.08 18.74
N GLU A 133 0.36 -11.66 19.64
CA GLU A 133 1.49 -12.45 19.19
C GLU A 133 1.02 -13.54 18.19
N GLY A 134 1.76 -13.75 17.11
CA GLY A 134 1.27 -14.70 16.14
C GLY A 134 0.59 -13.96 14.99
N ASP A 135 0.12 -12.72 15.19
CA ASP A 135 -0.52 -11.96 14.09
C ASP A 135 0.48 -11.52 12.99
N ILE A 136 -0.03 -11.29 11.78
CA ILE A 136 0.81 -10.64 10.74
C ILE A 136 0.03 -9.32 10.45
N VAL A 137 0.76 -8.23 10.24
CA VAL A 137 0.09 -6.95 9.97
C VAL A 137 0.80 -6.12 8.91
N ASN A 138 0.03 -5.61 7.95
CA ASN A 138 0.58 -4.75 6.92
C ASN A 138 0.25 -3.28 7.31
N VAL A 139 1.22 -2.39 7.18
CA VAL A 139 0.96 -0.95 7.42
C VAL A 139 1.23 -0.33 6.03
N ASP A 140 0.27 0.39 5.53
CA ASP A 140 0.41 0.97 4.20
C ASP A 140 0.36 2.48 4.40
N ILE A 141 1.45 3.08 3.98
CA ILE A 141 1.71 4.53 4.10
C ILE A 141 1.72 5.24 2.79
N THR A 142 1.14 6.42 2.80
CA THR A 142 1.29 7.32 1.67
C THR A 142 1.42 8.75 2.18
N LEU A 143 2.41 9.46 1.69
CA LEU A 143 2.62 10.86 2.11
C LEU A 143 2.46 11.80 0.90
N TYR A 144 2.14 13.05 1.18
CA TYR A 144 1.93 14.08 0.16
C TYR A 144 2.80 15.28 0.53
N ARG A 145 3.62 15.70 -0.42
CA ARG A 145 4.50 16.84 -0.21
C ARG A 145 4.73 17.58 -1.50
N ASN A 146 4.57 18.90 -1.42
CA ASN A 146 4.81 19.74 -2.54
C ASN A 146 4.08 19.31 -3.79
N GLY A 147 2.87 18.77 -3.66
CA GLY A 147 2.14 18.36 -4.85
C GLY A 147 2.36 16.92 -5.28
N TYR A 148 3.17 16.15 -4.53
CA TYR A 148 3.45 14.74 -4.90
C TYR A 148 3.17 13.69 -3.84
N HIS A 149 2.69 12.52 -4.29
CA HIS A 149 2.38 11.41 -3.38
C HIS A 149 3.47 10.31 -3.42
N GLY A 150 3.80 9.73 -2.25
CA GLY A 150 4.79 8.65 -2.15
C GLY A 150 4.14 7.52 -1.36
N ASP A 151 4.16 6.33 -1.93
CA ASP A 151 3.42 5.19 -1.38
C ASP A 151 4.19 3.86 -1.28
N LEU A 152 4.15 3.26 -0.08
CA LEU A 152 4.77 1.96 0.15
C LEU A 152 4.07 1.21 1.32
N ASN A 153 4.26 -0.10 1.44
CA ASN A 153 3.68 -0.88 2.55
C ASN A 153 4.49 -2.14 2.70
N GLU A 154 4.46 -2.71 3.90
CA GLU A 154 5.19 -3.93 4.22
C GLU A 154 4.33 -4.67 5.22
N THR A 155 4.44 -5.99 5.21
CA THR A 155 3.76 -6.86 6.15
C THR A 155 4.82 -7.18 7.24
N PHE A 156 4.39 -7.19 8.50
CA PHE A 156 5.24 -7.41 9.67
C PHE A 156 4.77 -8.58 10.53
N PHE A 157 5.70 -9.17 11.28
CA PHE A 157 5.31 -10.29 12.14
C PHE A 157 5.16 -9.65 13.52
N VAL A 158 4.20 -10.12 14.30
CA VAL A 158 4.02 -9.63 15.66
C VAL A 158 4.48 -10.77 16.54
N GLY A 159 5.60 -10.58 17.22
CA GLY A 159 6.14 -11.65 18.06
C GLY A 159 6.54 -12.78 17.15
N GLU A 160 6.33 -14.00 17.60
CA GLU A 160 6.70 -15.18 16.80
C GLU A 160 5.46 -15.62 16.05
N VAL A 161 5.61 -16.06 14.81
CA VAL A 161 4.45 -16.47 14.05
C VAL A 161 4.69 -17.89 13.58
N ASP A 162 3.63 -18.54 13.13
CA ASP A 162 3.75 -19.90 12.65
C ASP A 162 4.35 -19.95 11.25
N ASP A 163 4.77 -21.16 10.85
CA ASP A 163 5.38 -21.41 9.53
C ASP A 163 4.58 -20.94 8.33
N GLY A 164 3.27 -21.15 8.38
CA GLY A 164 2.44 -20.68 7.29
C GLY A 164 2.54 -19.16 7.14
N ALA A 165 2.55 -18.45 8.27
CA ALA A 165 2.66 -17.00 8.25
C ALA A 165 3.95 -16.65 7.54
N ARG A 166 5.02 -17.29 7.99
CA ARG A 166 6.33 -17.07 7.40
C ARG A 166 6.40 -17.29 5.90
N LYS A 167 5.85 -18.41 5.45
CA LYS A 167 5.81 -18.76 4.04
C LYS A 167 4.97 -17.79 3.22
N LEU A 168 3.83 -17.37 3.78
CA LEU A 168 3.00 -16.46 3.05
C LEU A 168 3.70 -15.10 2.87
N VAL A 169 4.27 -14.61 3.96
CA VAL A 169 4.91 -13.31 3.96
C VAL A 169 6.14 -13.32 3.06
N GLN A 170 6.94 -14.39 3.13
CA GLN A 170 8.12 -14.51 2.27
C GLN A 170 7.75 -14.57 0.79
N THR A 171 6.83 -15.46 0.44
CA THR A 171 6.41 -15.62 -0.95
C THR A 171 5.91 -14.27 -1.53
N THR A 172 5.06 -13.58 -0.79
CA THR A 172 4.50 -12.30 -1.21
C THR A 172 5.62 -11.32 -1.57
N TYR A 173 6.65 -11.26 -0.71
CA TYR A 173 7.77 -10.33 -0.95
C TYR A 173 8.46 -10.75 -2.26
N GLU A 174 8.75 -12.05 -2.37
CA GLU A 174 9.34 -12.58 -3.58
C GLU A 174 8.47 -12.20 -4.78
N CYS A 175 7.16 -12.34 -4.67
CA CYS A 175 6.28 -11.98 -5.79
C CYS A 175 6.56 -10.53 -6.21
N LEU A 176 6.68 -9.68 -5.22
CA LEU A 176 6.93 -8.27 -5.48
C LEU A 176 8.29 -8.06 -6.13
N MET A 177 9.34 -8.69 -5.59
CA MET A 177 10.68 -8.44 -6.14
C MET A 177 10.90 -9.03 -7.54
N GLN A 178 10.21 -10.11 -7.86
CA GLN A 178 10.32 -10.70 -9.20
C GLN A 178 9.60 -9.78 -10.20
N ALA A 179 8.52 -9.12 -9.79
CA ALA A 179 7.84 -8.18 -10.69
C ALA A 179 8.70 -6.91 -10.89
N ILE A 180 9.30 -6.41 -9.82
CA ILE A 180 10.16 -5.22 -9.94
C ILE A 180 11.26 -5.52 -10.93
N ASP A 181 11.81 -6.72 -10.80
CA ASP A 181 12.90 -7.24 -11.60
C ASP A 181 12.61 -7.16 -13.10
N ALA A 182 11.33 -7.29 -13.46
CA ALA A 182 10.95 -7.22 -14.87
C ALA A 182 10.67 -5.81 -15.42
N VAL A 183 10.59 -4.80 -14.55
CA VAL A 183 10.28 -3.47 -14.97
C VAL A 183 11.42 -2.79 -15.74
N LYS A 184 11.11 -2.34 -16.96
CA LYS A 184 12.03 -1.63 -17.85
C LYS A 184 11.23 -1.14 -19.07
N PRO A 185 11.72 -0.08 -19.74
CA PRO A 185 11.02 0.46 -20.91
C PRO A 185 10.71 -0.66 -21.87
N GLY A 186 9.51 -0.66 -22.44
CA GLY A 186 9.19 -1.72 -23.39
C GLY A 186 8.35 -2.91 -22.93
N VAL A 187 8.33 -3.13 -21.62
CA VAL A 187 7.56 -4.21 -21.06
C VAL A 187 6.09 -3.74 -20.91
N ARG A 188 5.15 -4.64 -21.22
CA ARG A 188 3.73 -4.30 -21.06
C ARG A 188 3.32 -4.35 -19.56
N TYR A 189 2.42 -3.48 -19.11
CA TYR A 189 2.04 -3.51 -17.68
C TYR A 189 1.29 -4.81 -17.33
N ARG A 190 0.62 -5.42 -18.31
CA ARG A 190 -0.11 -6.65 -18.05
C ARG A 190 0.79 -7.86 -17.79
N GLU A 191 2.07 -7.74 -18.09
CA GLU A 191 2.97 -8.86 -17.87
C GLU A 191 3.30 -9.17 -16.38
N LEU A 192 3.38 -8.14 -15.56
CA LEU A 192 3.69 -8.30 -14.11
C LEU A 192 2.78 -9.29 -13.37
N GLY A 193 1.47 -9.25 -13.63
CA GLY A 193 0.55 -10.18 -13.01
C GLY A 193 0.93 -11.64 -13.35
N ASN A 194 1.42 -11.85 -14.58
CA ASN A 194 1.84 -13.20 -14.97
C ASN A 194 2.96 -13.65 -14.06
N ILE A 195 3.92 -12.77 -13.83
CA ILE A 195 5.04 -13.15 -12.98
C ILE A 195 4.54 -13.36 -11.57
N ILE A 196 3.74 -12.41 -11.08
CA ILE A 196 3.24 -12.52 -9.70
C ILE A 196 2.45 -13.78 -9.45
N GLN A 197 1.43 -14.06 -10.28
CA GLN A 197 0.62 -15.26 -10.03
C GLN A 197 1.43 -16.56 -10.19
N LYS A 198 2.33 -16.53 -11.16
CA LYS A 198 3.16 -17.73 -11.41
C LYS A 198 3.88 -18.07 -10.11
N HIS A 199 4.47 -17.10 -9.44
CA HIS A 199 5.14 -17.42 -8.17
C HIS A 199 4.17 -17.78 -7.02
N ALA A 200 3.08 -17.02 -6.86
CA ALA A 200 2.14 -17.34 -5.79
C ALA A 200 1.50 -18.77 -5.96
N GLN A 201 1.07 -19.10 -7.18
CA GLN A 201 0.48 -20.40 -7.46
C GLN A 201 1.49 -21.52 -7.13
N ALA A 202 2.71 -21.39 -7.61
CA ALA A 202 3.72 -22.39 -7.32
C ALA A 202 3.85 -22.67 -5.81
N ASN A 203 3.41 -21.74 -4.98
CA ASN A 203 3.53 -21.91 -3.53
C ASN A 203 2.22 -22.18 -2.77
N GLY A 204 1.18 -22.47 -3.53
CA GLY A 204 -0.11 -22.82 -2.96
C GLY A 204 -1.01 -21.64 -2.62
N PHE A 205 -0.56 -20.42 -2.92
CA PHE A 205 -1.31 -19.21 -2.58
C PHE A 205 -2.07 -18.64 -3.77
N SER A 206 -3.08 -17.81 -3.45
CA SER A 206 -3.91 -17.14 -4.47
C SER A 206 -3.61 -15.61 -4.51
N VAL A 207 -4.04 -14.96 -5.60
CA VAL A 207 -3.80 -13.54 -5.86
C VAL A 207 -5.08 -12.75 -5.87
N VAL A 208 -5.15 -11.74 -5.00
CA VAL A 208 -6.35 -10.91 -4.90
C VAL A 208 -6.57 -10.22 -6.26
N ARG A 209 -7.84 -10.11 -6.65
CA ARG A 209 -8.17 -9.53 -7.94
C ARG A 209 -8.85 -8.18 -7.98
N SER A 210 -9.46 -7.76 -6.90
CA SER A 210 -10.21 -6.53 -6.88
C SER A 210 -9.42 -5.26 -6.62
N TYR A 211 -8.15 -5.42 -6.26
CA TYR A 211 -7.30 -4.28 -5.95
C TYR A 211 -6.04 -4.42 -6.79
N CYS A 212 -5.52 -3.28 -7.25
CA CYS A 212 -4.35 -3.28 -8.16
C CYS A 212 -3.33 -2.19 -7.85
N GLY A 213 -2.16 -2.30 -8.48
CA GLY A 213 -1.14 -1.25 -8.32
C GLY A 213 -1.68 -0.11 -9.15
N HIS A 214 -1.02 1.04 -9.12
CA HIS A 214 -1.58 2.19 -9.80
C HIS A 214 -0.50 3.24 -10.08
N GLY A 215 -0.74 4.09 -11.07
CA GLY A 215 0.18 5.16 -11.31
C GLY A 215 0.05 6.06 -10.07
N ILE A 216 1.08 6.84 -9.80
CA ILE A 216 1.06 7.77 -8.68
C ILE A 216 2.06 8.87 -8.95
N HIS A 217 1.69 10.11 -8.62
CA HIS A 217 2.57 11.27 -8.77
C HIS A 217 1.84 12.48 -8.23
N LYS A 218 1.30 13.33 -9.09
CA LYS A 218 0.54 14.49 -8.61
C LYS A 218 -0.82 14.02 -8.05
N LEU A 219 -1.25 12.88 -8.55
CA LEU A 219 -2.51 12.26 -8.16
C LEU A 219 -2.17 11.06 -7.25
N PHE A 220 -3.11 10.63 -6.40
CA PHE A 220 -2.80 9.50 -5.49
C PHE A 220 -2.89 8.16 -6.22
N HIS A 221 -3.95 8.02 -7.01
CA HIS A 221 -4.22 6.79 -7.76
C HIS A 221 -4.59 7.19 -9.21
N THR A 222 -3.76 6.85 -10.17
CA THR A 222 -4.10 7.20 -11.56
C THR A 222 -3.60 6.18 -12.57
N ALA A 223 -3.71 6.42 -13.89
CA ALA A 223 -3.24 5.40 -14.85
C ALA A 223 -1.73 5.27 -14.65
N PRO A 224 -1.19 4.07 -14.82
CA PRO A 224 -1.87 2.85 -15.16
C PRO A 224 -2.44 2.05 -13.98
N ASN A 225 -3.44 1.22 -14.31
CA ASN A 225 -4.04 0.28 -13.39
C ASN A 225 -3.14 -0.95 -13.58
N VAL A 226 -2.67 -1.53 -12.48
CA VAL A 226 -1.77 -2.68 -12.60
C VAL A 226 -2.23 -3.92 -11.89
N PRO A 227 -2.95 -4.82 -12.58
CA PRO A 227 -3.43 -6.05 -11.94
C PRO A 227 -2.25 -6.92 -11.52
N HIS A 228 -2.41 -7.69 -10.43
CA HIS A 228 -1.31 -8.55 -9.97
C HIS A 228 -1.55 -10.03 -10.34
N TYR A 229 -2.61 -10.30 -11.11
CA TYR A 229 -2.95 -11.69 -11.49
C TYR A 229 -2.72 -11.96 -12.98
N ALA A 230 -2.54 -13.23 -13.34
CA ALA A 230 -2.22 -13.62 -14.72
C ALA A 230 -3.29 -13.37 -15.78
N LYS A 231 -2.82 -13.20 -17.02
CA LYS A 231 -3.70 -12.98 -18.16
C LYS A 231 -4.70 -11.85 -17.94
N ASN A 232 -4.22 -10.70 -17.51
CA ASN A 232 -5.11 -9.57 -17.29
C ASN A 232 -4.97 -8.70 -18.52
N LYS A 233 -5.81 -7.69 -18.61
CA LYS A 233 -5.82 -6.81 -19.78
C LYS A 233 -5.38 -5.39 -19.46
N ALA A 234 -4.45 -5.25 -18.53
CA ALA A 234 -3.98 -3.92 -18.21
C ALA A 234 -3.60 -3.23 -19.54
N VAL A 235 -3.85 -1.93 -19.62
CA VAL A 235 -3.55 -1.10 -20.77
C VAL A 235 -2.24 -0.35 -20.65
N GLY A 236 -1.39 -0.47 -21.66
CA GLY A 236 -0.14 0.27 -21.63
C GLY A 236 1.18 -0.44 -21.65
N VAL A 237 2.20 0.34 -22.00
CA VAL A 237 3.56 -0.14 -22.06
C VAL A 237 4.51 0.79 -21.28
N MET A 238 5.42 0.19 -20.50
CA MET A 238 6.34 0.97 -19.70
C MET A 238 7.24 1.83 -20.57
N LYS A 239 7.47 3.05 -20.09
CA LYS A 239 8.30 4.06 -20.74
C LYS A 239 9.16 4.79 -19.70
N SER A 240 10.43 5.03 -20.03
CA SER A 240 11.31 5.74 -19.12
C SER A 240 10.55 6.99 -18.66
N GLY A 241 10.48 7.24 -17.34
CA GLY A 241 9.74 8.42 -16.90
C GLY A 241 8.35 8.15 -16.32
N HIS A 242 7.88 6.90 -16.43
CA HIS A 242 6.60 6.47 -15.86
C HIS A 242 6.82 6.14 -14.36
N VAL A 243 5.86 6.53 -13.51
CA VAL A 243 5.95 6.22 -12.07
C VAL A 243 4.65 5.50 -11.63
N PHE A 244 4.83 4.33 -11.00
CA PHE A 244 3.68 3.54 -10.59
C PHE A 244 4.01 2.59 -9.44
N THR A 245 2.98 1.94 -8.89
CA THR A 245 3.22 1.02 -7.77
C THR A 245 2.93 -0.41 -8.18
N ILE A 246 3.61 -1.34 -7.54
CA ILE A 246 3.24 -2.78 -7.68
C ILE A 246 2.95 -3.12 -6.18
N GLU A 247 1.81 -3.74 -5.89
CA GLU A 247 1.47 -4.01 -4.47
C GLU A 247 0.63 -5.27 -4.32
N PRO A 248 1.23 -6.41 -4.66
CA PRO A 248 0.45 -7.64 -4.59
C PRO A 248 -0.04 -8.08 -3.21
N MET A 249 -1.30 -8.49 -3.20
CA MET A 249 -2.02 -8.98 -2.05
C MET A 249 -2.21 -10.46 -2.39
N ILE A 250 -1.59 -11.30 -1.57
CA ILE A 250 -1.58 -12.76 -1.75
C ILE A 250 -2.30 -13.41 -0.57
N CYS A 251 -3.07 -14.46 -0.83
CA CYS A 251 -3.83 -15.14 0.23
C CYS A 251 -3.53 -16.64 0.43
N GLU A 252 -3.63 -17.11 1.67
CA GLU A 252 -3.43 -18.50 2.05
C GLU A 252 -4.46 -19.37 1.35
N GLY A 253 -5.73 -18.94 1.43
CA GLY A 253 -6.82 -19.68 0.81
C GLY A 253 -7.25 -19.14 -0.54
N GLY A 254 -8.56 -18.89 -0.72
CA GLY A 254 -9.08 -18.41 -2.00
C GLY A 254 -8.80 -16.94 -2.27
N TRP A 255 -9.00 -16.48 -3.50
CA TRP A 255 -8.69 -15.09 -3.77
C TRP A 255 -9.82 -14.11 -3.49
N GLN A 256 -11.04 -14.62 -3.30
CA GLN A 256 -12.22 -13.72 -3.15
C GLN A 256 -12.15 -12.83 -1.93
N ASP A 257 -12.58 -11.58 -2.14
CA ASP A 257 -12.59 -10.58 -1.08
C ASP A 257 -13.99 -10.05 -0.86
N GLU A 258 -14.22 -9.49 0.32
CA GLU A 258 -15.49 -8.81 0.53
C GLU A 258 -15.15 -7.61 1.46
N THR A 259 -16.10 -6.70 1.60
CA THR A 259 -15.90 -5.50 2.41
C THR A 259 -16.77 -5.46 3.66
N TRP A 260 -16.14 -5.20 4.80
CA TRP A 260 -16.82 -5.03 6.05
C TRP A 260 -17.83 -3.87 5.96
N PRO A 261 -18.80 -3.89 6.88
CA PRO A 261 -19.83 -2.85 6.92
C PRO A 261 -19.25 -1.43 7.03
N ASP A 262 -18.01 -1.27 7.49
CA ASP A 262 -17.47 0.10 7.55
C ASP A 262 -17.19 0.70 6.17
N GLY A 263 -17.42 -0.07 5.11
CA GLY A 263 -17.18 0.48 3.78
C GLY A 263 -15.73 0.51 3.31
N TRP A 264 -14.80 0.06 4.14
CA TRP A 264 -13.39 0.07 3.78
C TRP A 264 -12.61 -1.26 3.85
N THR A 265 -12.73 -1.92 5.00
CA THR A 265 -11.96 -3.11 5.27
C THR A 265 -12.27 -4.21 4.30
N ALA A 266 -11.26 -4.65 3.57
CA ALA A 266 -11.42 -5.69 2.57
C ALA A 266 -10.87 -6.93 3.24
N VAL A 267 -11.65 -8.02 3.27
CA VAL A 267 -11.18 -9.23 3.94
C VAL A 267 -11.36 -10.45 3.05
N THR A 268 -10.62 -11.54 3.35
CA THR A 268 -10.80 -12.77 2.54
C THR A 268 -12.19 -13.29 2.89
N ARG A 269 -12.95 -13.72 1.88
CA ARG A 269 -14.27 -14.28 2.21
C ARG A 269 -14.15 -15.59 3.01
N ASP A 270 -13.01 -16.24 2.92
CA ASP A 270 -12.84 -17.48 3.64
C ASP A 270 -12.18 -17.33 4.98
N GLY A 271 -11.81 -16.11 5.32
CA GLY A 271 -11.21 -15.87 6.63
C GLY A 271 -9.78 -16.28 6.82
N LYS A 272 -9.13 -16.67 5.73
CA LYS A 272 -7.73 -17.05 5.84
C LYS A 272 -6.84 -15.83 5.70
N ARG A 273 -5.57 -16.03 5.98
CA ARG A 273 -4.69 -14.88 5.97
C ARG A 273 -4.23 -14.34 4.62
N SER A 274 -3.90 -13.05 4.61
CA SER A 274 -3.42 -12.34 3.42
C SER A 274 -2.22 -11.44 3.76
N ALA A 275 -1.31 -11.25 2.82
CA ALA A 275 -0.17 -10.39 3.11
C ALA A 275 0.08 -9.55 1.85
N GLN A 276 0.80 -8.44 2.00
CA GLN A 276 1.05 -7.55 0.86
C GLN A 276 2.37 -6.77 1.06
N PHE A 277 3.03 -6.42 -0.05
CA PHE A 277 4.20 -5.52 -0.01
C PHE A 277 4.00 -4.51 -1.17
N GLU A 278 4.60 -3.33 -1.03
CA GLU A 278 4.41 -2.38 -2.07
C GLU A 278 5.58 -1.43 -2.19
N HIS A 279 5.96 -1.10 -3.43
CA HIS A 279 6.98 -0.09 -3.67
C HIS A 279 6.47 0.87 -4.76
N THR A 280 6.91 2.13 -4.73
CA THR A 280 6.56 3.09 -5.77
C THR A 280 7.80 3.06 -6.67
N LEU A 281 7.61 2.90 -7.98
CA LEU A 281 8.77 2.81 -8.88
C LEU A 281 8.78 3.82 -10.01
N LEU A 282 9.99 4.10 -10.49
CA LEU A 282 10.22 4.98 -11.63
C LEU A 282 10.97 4.23 -12.72
N VAL A 283 10.36 4.08 -13.88
CA VAL A 283 11.01 3.40 -15.00
C VAL A 283 12.17 4.28 -15.52
N THR A 284 13.38 3.70 -15.64
CA THR A 284 14.54 4.43 -16.13
C THR A 284 14.97 3.70 -17.39
N ASP A 285 15.98 4.22 -18.07
CA ASP A 285 16.39 3.55 -19.30
C ASP A 285 16.96 2.17 -19.14
N THR A 286 17.49 1.84 -17.96
CA THR A 286 18.05 0.52 -17.80
C THR A 286 17.08 -0.44 -17.12
N GLY A 287 16.08 0.14 -16.46
CA GLY A 287 15.09 -0.67 -15.73
C GLY A 287 14.26 0.27 -14.89
N CYS A 288 14.45 0.26 -13.57
CA CYS A 288 13.68 1.17 -12.73
C CYS A 288 14.37 1.54 -11.43
N GLU A 289 13.93 2.66 -10.87
CA GLU A 289 14.48 3.11 -9.63
C GLU A 289 13.41 2.80 -8.55
N ILE A 290 13.78 2.15 -7.46
CA ILE A 290 12.79 1.85 -6.40
C ILE A 290 12.81 3.06 -5.46
N LEU A 291 11.94 4.04 -5.73
CA LEU A 291 11.90 5.25 -4.90
C LEU A 291 11.67 5.07 -3.39
N THR A 292 10.92 4.01 -2.98
CA THR A 292 10.58 3.80 -1.55
C THR A 292 11.44 2.76 -0.85
N ARG A 293 12.56 2.41 -1.48
CA ARG A 293 13.51 1.42 -0.95
C ARG A 293 14.04 1.82 0.40
N ARG A 294 14.24 0.82 1.24
CA ARG A 294 14.79 1.06 2.56
C ARG A 294 16.24 1.47 2.26
N LEU A 295 16.73 2.48 2.96
CA LEU A 295 18.09 2.97 2.73
C LEU A 295 19.12 2.43 3.73
N ASP A 296 18.67 2.13 4.95
CA ASP A 296 19.59 1.65 5.99
C ASP A 296 19.69 0.13 6.10
N SER A 297 19.18 -0.59 5.11
CA SER A 297 19.27 -2.04 5.14
C SER A 297 18.88 -2.59 3.80
N ALA A 298 19.43 -3.75 3.48
CA ALA A 298 19.14 -4.37 2.20
C ALA A 298 17.85 -5.13 2.24
N ARG A 299 17.30 -5.32 3.44
CA ARG A 299 16.10 -6.15 3.52
C ARG A 299 14.90 -5.51 4.16
N PRO A 300 13.69 -6.05 3.87
CA PRO A 300 12.43 -5.53 4.44
C PRO A 300 12.50 -5.94 5.95
N HIS A 301 11.67 -5.32 6.81
CA HIS A 301 11.72 -5.59 8.23
C HIS A 301 11.49 -7.02 8.71
N PHE A 302 10.54 -7.73 8.08
CA PHE A 302 10.23 -9.07 8.53
C PHE A 302 11.41 -10.02 8.50
N MET A 303 12.34 -9.86 7.56
CA MET A 303 13.46 -10.78 7.54
C MET A 303 14.66 -10.14 8.16
N SER A 304 14.57 -9.96 9.48
CA SER A 304 15.62 -9.33 10.26
C SER A 304 14.97 -8.94 11.55
#